data_2IH7
#
_entry.id   2IH7
#
_entity_poly.entity_id   1
_entity_poly.type   'polypeptide(L)'
_entity_poly.pdbx_seq_one_letter_code
;VCCGYPLCH(HYP)C(NH2)
;
_entity_poly.pdbx_strand_id   A
#
# COMPACT_ATOMS: atom_id res chain seq x y z
N VAL A 1 -0.34 6.26 0.80
CA VAL A 1 0.23 5.89 -0.53
C VAL A 1 -0.72 5.05 -1.44
N CYS A 2 -1.12 3.85 -1.01
CA CYS A 2 -1.44 2.73 -1.94
C CYS A 2 -2.49 1.68 -1.48
N CYS A 3 -2.69 0.64 -2.31
CA CYS A 3 -2.79 -0.76 -1.80
C CYS A 3 -1.63 -1.66 -2.36
N GLY A 4 -0.97 -2.46 -1.51
CA GLY A 4 0.16 -3.37 -1.91
C GLY A 4 1.53 -2.73 -2.26
N TYR A 5 2.09 -1.92 -1.35
CA TYR A 5 3.27 -1.01 -1.57
C TYR A 5 3.65 -0.34 -0.18
N PRO A 6 4.92 0.04 0.17
CA PRO A 6 5.30 0.87 1.36
C PRO A 6 4.37 1.08 2.60
N LEU A 7 3.85 2.28 2.88
CA LEU A 7 2.91 2.53 4.03
C LEU A 7 1.39 2.21 3.77
N CYS A 8 1.06 1.01 3.23
CA CYS A 8 -0.36 0.55 3.05
C CYS A 8 -0.56 -1.01 3.16
N HIS A 9 -1.82 -1.45 3.25
CA HIS A 9 -2.20 -2.90 3.13
C HIS A 9 -2.36 -3.42 1.65
N CYS A 11 -4.10 -5.08 -1.95
CA CYS A 11 -5.32 -4.77 -2.75
C CYS A 11 -6.46 -5.84 -2.66
N VAL A 1 1.49 6.53 0.40
CA VAL A 1 1.95 5.81 -0.81
C VAL A 1 0.79 5.28 -1.71
N CYS A 2 0.02 4.28 -1.27
CA CYS A 2 -0.66 3.31 -2.18
C CYS A 2 -1.95 2.60 -1.62
N CYS A 3 -2.50 1.64 -2.39
CA CYS A 3 -2.91 0.33 -1.81
C CYS A 3 -1.93 -0.82 -2.27
N GLY A 4 -1.59 -1.77 -1.39
CA GLY A 4 -0.71 -2.93 -1.73
C GLY A 4 0.76 -2.69 -2.15
N TYR A 5 1.56 -2.08 -1.27
CA TYR A 5 2.96 -1.59 -1.53
C TYR A 5 3.54 -1.02 -0.17
N PRO A 6 4.85 -1.18 0.25
CA PRO A 6 5.45 -0.55 1.46
C PRO A 6 4.64 -0.19 2.74
N LEU A 7 4.18 1.05 2.94
CA LEU A 7 3.28 1.40 4.08
C LEU A 7 1.78 1.66 3.67
N CYS A 8 1.16 0.67 3.00
CA CYS A 8 -0.30 0.63 2.75
C CYS A 8 -0.88 -0.82 2.81
N HIS A 9 -2.21 -0.98 2.95
CA HIS A 9 -2.89 -2.30 2.92
C HIS A 9 -3.26 -2.82 1.47
N CYS A 11 -4.90 -3.97 -2.17
CA CYS A 11 -5.94 -3.41 -3.07
C CYS A 11 -7.23 -4.29 -3.20
N VAL A 1 1.36 6.29 0.44
CA VAL A 1 1.92 5.62 -0.79
C VAL A 1 0.84 4.96 -1.71
N CYS A 2 0.05 3.98 -1.22
CA CYS A 2 -0.63 2.99 -2.11
C CYS A 2 -1.96 2.36 -1.60
N CYS A 3 -2.57 1.44 -2.38
CA CYS A 3 -2.91 0.09 -1.85
C CYS A 3 -1.97 -1.02 -2.46
N GLY A 4 -1.53 -2.00 -1.65
CA GLY A 4 -0.66 -3.12 -2.11
C GLY A 4 0.82 -2.82 -2.45
N TYR A 5 1.58 -2.29 -1.49
CA TYR A 5 2.99 -1.77 -1.66
C TYR A 5 3.51 -1.26 -0.24
N PRO A 6 4.82 -1.32 0.14
CA PRO A 6 5.41 -0.67 1.36
C PRO A 6 4.56 -0.19 2.58
N LEU A 7 4.26 1.11 2.72
CA LEU A 7 3.43 1.63 3.86
C LEU A 7 1.91 1.81 3.54
N CYS A 8 1.23 0.73 3.11
CA CYS A 8 -0.25 0.70 2.94
C CYS A 8 -0.87 -0.72 3.16
N HIS A 9 -2.21 -0.81 3.20
CA HIS A 9 -2.95 -2.10 3.11
C HIS A 9 -3.05 -2.71 1.66
N CYS A 11 -4.93 -4.05 -1.94
CA CYS A 11 -6.06 -3.62 -2.81
C CYS A 11 -7.29 -4.58 -2.73
N VAL A 1 1.08 6.69 0.11
CA VAL A 1 1.62 5.88 -1.02
C VAL A 1 0.48 5.24 -1.87
N CYS A 2 -0.12 4.12 -1.44
CA CYS A 2 -0.63 3.09 -2.39
C CYS A 2 -1.91 2.28 -1.95
N CYS A 3 -2.23 1.21 -2.69
CA CYS A 3 -2.58 -0.11 -2.08
C CYS A 3 -1.51 -1.20 -2.44
N GLY A 4 -1.31 -2.20 -1.58
CA GLY A 4 -0.38 -3.35 -1.84
C GLY A 4 1.14 -3.08 -1.94
N TYR A 5 1.71 -2.24 -1.06
CA TYR A 5 3.08 -1.64 -1.19
C TYR A 5 3.54 -1.02 0.19
N PRO A 6 4.86 -0.91 0.57
CA PRO A 6 5.36 -0.21 1.78
C PRO A 6 4.48 0.27 2.98
N LEU A 7 3.92 1.49 2.92
CA LEU A 7 2.98 2.00 3.99
C LEU A 7 1.46 1.97 3.57
N CYS A 8 0.96 0.85 3.01
CA CYS A 8 -0.47 0.67 2.62
C CYS A 8 -0.94 -0.82 2.60
N HIS A 9 -2.21 -1.04 3.00
CA HIS A 9 -2.88 -2.37 2.95
C HIS A 9 -3.12 -3.04 1.53
N CYS A 11 -4.90 -4.51 -2.00
CA CYS A 11 -5.85 -3.87 -2.96
C CYS A 11 -7.26 -4.51 -3.03
N VAL A 1 0.51 6.23 0.10
CA VAL A 1 1.32 5.69 -1.03
C VAL A 1 0.47 4.91 -2.09
N CYS A 2 -0.21 3.82 -1.69
CA CYS A 2 -0.68 2.76 -2.64
C CYS A 2 -1.97 1.98 -2.21
N CYS A 3 -2.29 0.90 -2.93
CA CYS A 3 -2.68 -0.39 -2.27
C CYS A 3 -1.65 -1.51 -2.67
N GLY A 4 -1.15 -2.29 -1.69
CA GLY A 4 -0.08 -3.32 -1.94
C GLY A 4 1.37 -2.83 -2.17
N TYR A 5 1.92 -2.07 -1.22
CA TYR A 5 3.32 -1.50 -1.25
C TYR A 5 3.66 -0.90 0.18
N PRO A 6 4.94 -0.88 0.68
CA PRO A 6 5.38 -0.20 1.94
C PRO A 6 4.44 0.34 3.07
N LEU A 7 3.82 1.52 2.89
CA LEU A 7 2.89 2.12 3.90
C LEU A 7 1.38 2.14 3.46
N CYS A 8 0.89 1.04 2.85
CA CYS A 8 -0.55 0.87 2.49
C CYS A 8 -1.02 -0.61 2.61
N HIS A 9 -2.32 -0.81 2.86
CA HIS A 9 -2.94 -2.16 2.91
C HIS A 9 -3.09 -2.90 1.53
N CYS A 11 -4.80 -4.51 -1.93
CA CYS A 11 -5.89 -4.06 -2.85
C CYS A 11 -7.24 -4.84 -2.72
N VAL A 1 0.54 6.43 -0.13
CA VAL A 1 1.37 5.72 -1.15
C VAL A 1 0.55 4.85 -2.16
N CYS A 2 -0.27 3.89 -1.69
CA CYS A 2 -0.78 2.78 -2.55
C CYS A 2 -2.10 2.07 -2.04
N CYS A 3 -2.57 1.05 -2.78
CA CYS A 3 -2.83 -0.29 -2.18
C CYS A 3 -1.72 -1.33 -2.59
N GLY A 4 -1.24 -2.17 -1.66
CA GLY A 4 -0.20 -3.21 -1.95
C GLY A 4 1.27 -2.75 -2.16
N TYR A 5 1.84 -2.02 -1.19
CA TYR A 5 3.23 -1.47 -1.21
C TYR A 5 3.58 -0.89 0.23
N PRO A 6 4.86 -0.89 0.74
CA PRO A 6 5.30 -0.20 2.00
C PRO A 6 4.34 0.32 3.11
N LEU A 7 3.78 1.54 2.98
CA LEU A 7 2.85 2.13 4.00
C LEU A 7 1.34 2.09 3.59
N CYS A 8 0.84 0.96 3.04
CA CYS A 8 -0.60 0.79 2.68
C CYS A 8 -1.08 -0.69 2.77
N HIS A 9 -2.38 -0.89 3.03
CA HIS A 9 -3.02 -2.23 2.98
C HIS A 9 -3.07 -2.91 1.55
N CYS A 11 -4.50 -4.62 -2.10
CA CYS A 11 -5.55 -4.29 -3.10
C CYS A 11 -6.79 -5.24 -3.05
N VAL A 1 0.66 6.56 -0.75
CA VAL A 1 1.34 5.70 -1.77
C VAL A 1 0.33 4.82 -2.56
N CYS A 2 -0.14 3.70 -1.99
CA CYS A 2 -0.64 2.53 -2.76
C CYS A 2 -1.93 1.83 -2.19
N CYS A 3 -2.34 0.71 -2.79
CA CYS A 3 -2.67 -0.51 -2.00
C CYS A 3 -1.66 -1.67 -2.33
N GLY A 4 -1.16 -2.39 -1.32
CA GLY A 4 -0.11 -3.46 -1.51
C GLY A 4 1.33 -3.03 -1.87
N TYR A 5 1.99 -2.26 -0.99
CA TYR A 5 3.36 -1.67 -1.17
C TYR A 5 3.79 -0.94 0.18
N PRO A 6 5.10 -0.79 0.59
CA PRO A 6 5.58 0.01 1.74
C PRO A 6 4.66 0.63 2.85
N LEU A 7 3.98 1.75 2.59
CA LEU A 7 3.05 2.38 3.57
C LEU A 7 1.54 2.33 3.12
N CYS A 8 1.00 1.12 2.89
CA CYS A 8 -0.46 0.91 2.60
C CYS A 8 -0.94 -0.54 2.94
N HIS A 9 -2.26 -0.74 3.09
CA HIS A 9 -2.88 -2.09 3.18
C HIS A 9 -3.09 -2.83 1.80
N CYS A 11 -5.00 -4.52 -1.65
CA CYS A 11 -6.06 -4.02 -2.57
C CYS A 11 -7.45 -4.74 -2.42
N VAL A 1 0.20 6.54 -0.57
CA VAL A 1 0.85 5.84 -1.71
C VAL A 1 -0.14 4.97 -2.55
N CYS A 2 -0.64 3.84 -2.02
CA CYS A 2 -1.01 2.65 -2.83
C CYS A 2 -2.17 1.76 -2.27
N CYS A 3 -2.36 0.54 -2.83
CA CYS A 3 -2.61 -0.68 -2.02
C CYS A 3 -1.50 -1.76 -2.30
N GLY A 4 -1.01 -2.46 -1.26
CA GLY A 4 0.12 -3.45 -1.40
C GLY A 4 1.52 -2.89 -1.78
N TYR A 5 2.07 -1.98 -0.97
CA TYR A 5 3.36 -1.26 -1.21
C TYR A 5 3.69 -0.39 0.07
N PRO A 6 4.95 -0.29 0.62
CA PRO A 6 5.33 0.57 1.77
C PRO A 6 4.34 0.98 2.92
N LEU A 7 3.63 2.10 2.79
CA LEU A 7 2.67 2.57 3.83
C LEU A 7 1.21 1.98 3.79
N CYS A 8 0.75 1.43 2.65
CA CYS A 8 -0.66 1.04 2.44
C CYS A 8 -0.97 -0.48 2.67
N HIS A 9 -2.21 -0.81 3.03
CA HIS A 9 -2.67 -2.23 3.17
C HIS A 9 -2.80 -3.06 1.83
N CYS A 11 -4.39 -4.99 -1.42
CA CYS A 11 -5.52 -4.64 -2.32
C CYS A 11 -6.83 -5.48 -2.15
N VAL A 1 0.46 6.18 0.60
CA VAL A 1 1.04 5.77 -0.72
C VAL A 1 0.00 5.10 -1.69
N CYS A 2 -0.50 3.90 -1.37
CA CYS A 2 -1.05 2.95 -2.38
C CYS A 2 -2.31 2.12 -1.91
N CYS A 3 -2.67 1.03 -2.61
CA CYS A 3 -2.76 -0.31 -1.97
C CYS A 3 -1.59 -1.28 -2.43
N GLY A 4 -1.10 -2.14 -1.53
CA GLY A 4 0.00 -3.12 -1.82
C GLY A 4 1.43 -2.59 -2.10
N TYR A 5 2.00 -1.80 -1.18
CA TYR A 5 3.35 -1.14 -1.29
C TYR A 5 3.64 -0.37 0.07
N PRO A 6 4.85 -0.37 0.70
CA PRO A 6 5.17 0.31 1.99
C PRO A 6 4.11 0.59 3.09
N LEU A 7 3.60 1.82 3.24
CA LEU A 7 2.55 2.13 4.27
C LEU A 7 1.14 1.47 4.10
N CYS A 8 0.73 1.12 2.88
CA CYS A 8 -0.67 0.77 2.55
C CYS A 8 -0.99 -0.76 2.58
N HIS A 9 -2.24 -1.09 2.91
CA HIS A 9 -2.75 -2.50 2.88
C HIS A 9 -2.77 -3.21 1.47
N CYS A 11 -4.11 -4.89 -2.07
CA CYS A 11 -5.23 -4.46 -2.96
C CYS A 11 -6.53 -5.33 -2.93
N VAL A 1 -0.26 6.16 0.64
CA VAL A 1 0.38 5.83 -0.66
C VAL A 1 -0.54 5.04 -1.65
N CYS A 2 -1.08 3.87 -1.25
CA CYS A 2 -1.52 2.81 -2.20
C CYS A 2 -2.62 1.83 -1.66
N CYS A 3 -2.90 0.73 -2.39
CA CYS A 3 -2.93 -0.62 -1.78
C CYS A 3 -1.71 -1.49 -2.31
N GLY A 4 -1.09 -2.31 -1.43
CA GLY A 4 0.05 -3.20 -1.81
C GLY A 4 1.44 -2.58 -2.12
N TYR A 5 1.95 -1.66 -1.30
CA TYR A 5 3.20 -0.87 -1.55
C TYR A 5 3.60 -0.11 -0.21
N PRO A 6 4.90 0.05 0.21
CA PRO A 6 5.35 0.82 1.40
C PRO A 6 4.47 1.01 2.69
N LEU A 7 3.73 2.11 2.85
CA LEU A 7 2.85 2.33 4.03
C LEU A 7 1.45 1.62 4.03
N CYS A 8 0.95 1.12 2.88
CA CYS A 8 -0.45 0.65 2.74
C CYS A 8 -0.67 -0.90 2.83
N HIS A 9 -1.88 -1.30 3.21
CA HIS A 9 -2.36 -2.71 3.12
C HIS A 9 -2.41 -3.35 1.68
N CYS A 11 -3.97 -5.15 -1.78
CA CYS A 11 -5.19 -4.90 -2.61
C CYS A 11 -6.31 -5.99 -2.54
N VAL A 1 1.05 5.72 1.77
CA VAL A 1 1.47 5.59 0.34
C VAL A 1 0.29 5.13 -0.59
N CYS A 2 -0.07 3.85 -0.57
CA CYS A 2 -0.69 3.17 -1.75
C CYS A 2 -1.97 2.30 -1.45
N CYS A 3 -2.35 1.41 -2.37
CA CYS A 3 -2.65 -0.01 -2.00
C CYS A 3 -1.61 -1.00 -2.67
N GLY A 4 -1.08 -1.98 -1.94
CA GLY A 4 -0.06 -2.95 -2.46
C GLY A 4 1.40 -2.45 -2.69
N TYR A 5 2.02 -1.86 -1.65
CA TYR A 5 3.41 -1.26 -1.68
C TYR A 5 3.77 -0.83 -0.18
N PRO A 6 5.02 -0.99 0.36
CA PRO A 6 5.44 -0.53 1.72
C PRO A 6 4.46 -0.38 2.94
N LEU A 7 4.00 0.83 3.27
CA LEU A 7 3.09 1.06 4.45
C LEU A 7 1.57 0.70 4.30
N CYS A 8 1.06 0.37 3.10
CA CYS A 8 -0.39 0.32 2.82
C CYS A 8 -1.04 -1.10 2.74
N HIS A 9 -2.38 -1.15 2.62
CA HIS A 9 -3.16 -2.40 2.51
C HIS A 9 -3.16 -3.13 1.11
N CYS A 11 -4.89 -4.22 -2.41
CA CYS A 11 -5.94 -3.59 -3.28
C CYS A 11 -7.33 -4.31 -3.34
N VAL A 1 0.69 5.69 0.93
CA VAL A 1 1.47 5.41 -0.32
C VAL A 1 0.63 4.83 -1.51
N CYS A 2 -0.12 3.74 -1.30
CA CYS A 2 -0.61 2.86 -2.40
C CYS A 2 -1.96 2.10 -2.08
N CYS A 3 -2.33 1.09 -2.89
CA CYS A 3 -2.73 -0.22 -2.30
C CYS A 3 -1.74 -1.36 -2.75
N GLY A 4 -1.24 -2.16 -1.79
CA GLY A 4 -0.22 -3.21 -2.07
C GLY A 4 1.23 -2.75 -2.38
N TYR A 5 1.88 -2.10 -1.41
CA TYR A 5 3.27 -1.53 -1.47
C TYR A 5 3.61 -0.94 -0.03
N PRO A 6 4.86 -1.02 0.53
CA PRO A 6 5.27 -0.44 1.83
C PRO A 6 4.25 -0.14 2.99
N LEU A 7 3.94 1.14 3.26
CA LEU A 7 3.04 1.56 4.37
C LEU A 7 1.49 1.63 4.06
N CYS A 8 0.98 0.99 2.99
CA CYS A 8 -0.47 0.89 2.67
C CYS A 8 -1.08 -0.54 2.79
N HIS A 9 -2.40 -0.65 2.91
CA HIS A 9 -3.12 -1.95 2.83
C HIS A 9 -3.13 -2.66 1.41
N CYS A 11 -4.74 -4.28 -2.15
CA CYS A 11 -5.83 -3.83 -3.06
C CYS A 11 -7.22 -4.54 -2.94
N VAL A 1 0.29 6.42 0.60
CA VAL A 1 0.89 5.89 -0.66
C VAL A 1 -0.13 5.14 -1.57
N CYS A 2 -0.63 3.96 -1.16
CA CYS A 2 -1.09 2.91 -2.11
C CYS A 2 -2.26 1.97 -1.62
N CYS A 3 -2.55 0.92 -2.40
CA CYS A 3 -2.67 -0.46 -1.83
C CYS A 3 -1.54 -1.40 -2.37
N GLY A 4 -0.97 -2.29 -1.55
CA GLY A 4 0.11 -3.24 -1.98
C GLY A 4 1.55 -2.72 -2.29
N TYR A 5 2.01 -1.72 -1.56
CA TYR A 5 3.34 -1.03 -1.73
C TYR A 5 3.78 -0.46 -0.31
N PRO A 6 5.09 -0.36 0.08
CA PRO A 6 5.56 0.26 1.35
C PRO A 6 4.66 0.41 2.63
N LEU A 7 4.04 1.56 2.89
CA LEU A 7 3.05 1.72 4.01
C LEU A 7 1.57 1.78 3.50
N CYS A 8 0.99 0.61 3.17
CA CYS A 8 -0.46 0.48 2.84
C CYS A 8 -0.95 -1.01 2.90
N HIS A 9 -2.26 -1.20 3.08
CA HIS A 9 -2.94 -2.52 2.97
C HIS A 9 -2.90 -3.24 1.58
N CYS A 11 -4.52 -4.85 -1.97
CA CYS A 11 -5.57 -4.33 -2.89
C CYS A 11 -6.97 -5.05 -2.85
N VAL A 1 0.83 6.34 0.57
CA VAL A 1 1.23 5.77 -0.76
C VAL A 1 0.00 5.16 -1.52
N CYS A 2 -0.43 3.94 -1.17
CA CYS A 2 -1.14 3.03 -2.11
C CYS A 2 -2.36 2.25 -1.52
N CYS A 3 -2.87 1.24 -2.24
CA CYS A 3 -3.02 -0.13 -1.66
C CYS A 3 -1.99 -1.13 -2.32
N GLY A 4 -1.51 -2.13 -1.56
CA GLY A 4 -0.54 -3.15 -2.07
C GLY A 4 0.90 -2.70 -2.48
N TYR A 5 1.57 -1.91 -1.64
CA TYR A 5 2.94 -1.35 -1.88
C TYR A 5 3.48 -0.77 -0.51
N PRO A 6 4.82 -0.80 -0.14
CA PRO A 6 5.39 -0.15 1.07
C PRO A 6 4.54 0.22 2.33
N LEU A 7 4.27 1.50 2.60
CA LEU A 7 3.37 1.93 3.73
C LEU A 7 1.85 2.02 3.37
N CYS A 8 1.26 0.91 2.89
CA CYS A 8 -0.20 0.74 2.75
C CYS A 8 -0.65 -0.75 2.89
N HIS A 9 -1.93 -0.99 3.22
CA HIS A 9 -2.53 -2.35 3.21
C HIS A 9 -2.75 -3.00 1.79
N CYS A 11 -4.59 -4.55 -1.66
CA CYS A 11 -5.82 -4.22 -2.45
C CYS A 11 -6.97 -5.29 -2.35
N VAL A 1 0.78 6.33 -0.40
CA VAL A 1 1.41 5.60 -1.54
C VAL A 1 0.38 4.85 -2.45
N CYS A 2 -0.37 3.89 -1.90
CA CYS A 2 -1.04 2.83 -2.72
C CYS A 2 -2.29 2.15 -2.05
N CYS A 3 -2.82 1.06 -2.62
CA CYS A 3 -3.02 -0.20 -1.86
C CYS A 3 -1.97 -1.30 -2.27
N GLY A 4 -1.49 -2.08 -1.29
CA GLY A 4 -0.54 -3.21 -1.52
C GLY A 4 0.94 -2.92 -1.86
N TYR A 5 1.59 -2.02 -1.13
CA TYR A 5 3.00 -1.56 -1.36
C TYR A 5 3.46 -0.74 -0.08
N PRO A 6 4.73 -0.80 0.43
CA PRO A 6 5.23 0.01 1.58
C PRO A 6 4.29 0.55 2.70
N LEU A 7 4.02 1.86 2.77
CA LEU A 7 3.07 2.44 3.77
C LEU A 7 1.56 2.47 3.32
N CYS A 8 1.05 1.37 2.73
CA CYS A 8 -0.39 1.12 2.49
C CYS A 8 -0.75 -0.38 2.69
N HIS A 9 -1.99 -0.68 3.09
CA HIS A 9 -2.49 -2.08 3.19
C HIS A 9 -2.83 -2.79 1.82
N CYS A 11 -4.37 -4.52 -1.73
CA CYS A 11 -5.54 -4.28 -2.64
C CYS A 11 -6.66 -5.37 -2.57
#